data_2M3P
#
_entry.id   2M3P
#
loop_
_entity.id
_entity.type
_entity.pdbx_description
1 polymer "DNA (5'-D(*CP*GP*CP*TP*CP*(ORP)P*CP*AP*CP*GP*C)-3')"
2 polymer "DNA (5'-D(*GP*CP*GP*TP*GP*GP*GP*AP*(8OG)P*CP*G)-3')"
#
loop_
_entity_poly.entity_id
_entity_poly.type
_entity_poly.pdbx_seq_one_letter_code
_entity_poly.pdbx_strand_id
1 'polydeoxyribonucleotide' (DC)(DG)(DC)(DT)(DC)(ORP)(DC)(DA)(DC)(DG)(DC) A
2 'polydeoxyribonucleotide' (DG)(DC)(DG)(DT)(DG)(DG)(DG)(DA)(8OG)(DC)(DG) B
#